data_4N14
#
_entry.id   4N14
#
_cell.length_a   41.041
_cell.length_b   87.177
_cell.length_c   48.043
_cell.angle_alpha   90.000
_cell.angle_beta   112.720
_cell.angle_gamma   90.000
#
_symmetry.space_group_name_H-M   'P 1 21 1'
#
loop_
_entity.id
_entity.type
_entity.pdbx_description
1 polymer 'Cell division cycle protein 20 homolog'
2 non-polymer '2-(2-methyl-5-nitro-1H-imidazol-1-yl)ethyl [(1R)-2,2,2-trichloro-1-(pyrimidin-2-ylamino)ethyl]carbamate'
3 water water
#
_entity_poly.entity_id   1
_entity_poly.type   'polypeptide(L)'
_entity_poly.pdbx_seq_one_letter_code
;GCRYIPSLPDRILDAPEIRNDYYLNLVDWSSGNVLAVALDNSVYLWSASSGDILQLLQMEQPGEYISSVAWIKEGNYLAV
GTSSAEVQLWDVQQQKRLRNMTSHSARVGSLSWNSYILSSGSRSGHIHHHDVRVAEHHVATLSGHSQEVCGLRWAPDGRH
LASGGNDNLVNVWPSAPGEGGWVPLQTFTQHQGAVKAVAWCPWQSNVLATGGGTSDRHIRIWNVCSGACLSAVDAHSQVC
SILWSPHYKELISGHGFAQNQLVIWKYPTMAKVAELKGHTSRVLSLTMSPDGATVASAAADETLRLWRCFELDP
;
_entity_poly.pdbx_strand_id   A
#
loop_
_chem_comp.id
_chem_comp.type
_chem_comp.name
_chem_comp.formula
WR7 non-polymer '2-(2-methyl-5-nitro-1H-imidazol-1-yl)ethyl [(1R)-2,2,2-trichloro-1-(pyrimidin-2-ylamino)ethyl]carbamate' 'C13 H14 Cl3 N7 O4'
#
# COMPACT_ATOMS: atom_id res chain seq x y z
N CYS A 2 -17.40 24.99 -5.26
CA CYS A 2 -16.52 25.30 -6.37
C CYS A 2 -15.27 24.44 -6.31
N ARG A 3 -15.40 23.19 -6.76
CA ARG A 3 -14.33 22.21 -6.65
C ARG A 3 -13.26 22.41 -7.72
N TYR A 4 -12.10 22.93 -7.30
CA TYR A 4 -10.96 23.08 -8.20
C TYR A 4 -9.90 22.02 -7.90
N ILE A 5 -9.73 21.10 -8.84
CA ILE A 5 -8.70 20.07 -8.74
C ILE A 5 -7.53 20.43 -9.65
N PRO A 6 -6.37 20.76 -9.05
CA PRO A 6 -5.19 21.07 -9.86
C PRO A 6 -4.81 19.92 -10.79
N SER A 7 -4.63 20.21 -12.07
CA SER A 7 -4.30 19.19 -13.05
C SER A 7 -2.81 18.87 -13.03
N LEU A 8 -2.05 19.60 -12.22
CA LEU A 8 -0.63 19.36 -12.05
C LEU A 8 -0.30 19.16 -10.58
N PRO A 9 0.84 18.53 -10.29
CA PRO A 9 1.27 18.34 -8.90
C PRO A 9 1.79 19.62 -8.29
N ASP A 10 1.64 19.76 -6.97
CA ASP A 10 2.12 20.95 -6.27
C ASP A 10 3.62 20.91 -6.05
N ARG A 11 4.16 19.70 -5.94
CA ARG A 11 5.58 19.51 -5.67
C ARG A 11 6.06 18.19 -6.25
N ILE A 12 7.32 18.18 -6.70
CA ILE A 12 7.94 16.97 -7.21
C ILE A 12 9.24 16.68 -6.48
N LEU A 13 9.36 15.46 -5.96
CA LEU A 13 10.57 15.03 -5.27
C LEU A 13 11.30 14.03 -6.17
N ASP A 14 12.62 14.13 -6.23
CA ASP A 14 13.40 13.21 -7.04
C ASP A 14 13.60 11.90 -6.28
N ALA A 15 13.31 10.79 -6.96
CA ALA A 15 13.42 9.46 -6.36
C ALA A 15 14.40 8.61 -7.15
N PRO A 16 15.68 9.00 -7.15
CA PRO A 16 16.69 8.29 -7.92
C PRO A 16 16.87 6.84 -7.46
N GLU A 17 17.02 5.93 -8.42
CA GLU A 17 17.26 4.53 -8.15
C GLU A 17 16.06 3.84 -7.47
N ILE A 18 14.87 4.43 -7.58
CA ILE A 18 13.69 3.74 -7.10
C ILE A 18 13.55 2.45 -7.91
N ARG A 19 13.31 1.34 -7.22
CA ARG A 19 13.29 0.05 -7.88
C ARG A 19 11.99 -0.14 -8.66
N ASN A 20 12.13 -0.31 -9.97
CA ASN A 20 10.97 -0.47 -10.85
C ASN A 20 10.44 -1.89 -10.82
N ASP A 21 9.94 -2.30 -9.65
CA ASP A 21 9.37 -3.63 -9.47
C ASP A 21 7.93 -3.47 -8.99
N TYR A 22 7.00 -3.90 -9.82
CA TYR A 22 5.58 -3.67 -9.60
C TYR A 22 5.07 -4.17 -8.25
N TYR A 23 5.69 -5.22 -7.73
CA TYR A 23 5.15 -5.93 -6.57
C TYR A 23 5.61 -5.39 -5.22
N LEU A 24 6.51 -4.41 -5.23
CA LEU A 24 7.01 -3.83 -3.99
C LEU A 24 6.16 -2.65 -3.54
N ASN A 25 6.16 -2.39 -2.24
CA ASN A 25 5.44 -1.25 -1.67
C ASN A 25 6.42 -0.33 -0.96
N LEU A 26 6.91 0.67 -1.70
CA LEU A 26 8.13 1.39 -1.32
C LEU A 26 7.93 2.77 -0.69
N VAL A 27 6.69 3.23 -0.60
CA VAL A 27 6.43 4.53 0.02
C VAL A 27 5.29 4.47 1.03
N ASP A 28 5.41 5.26 2.09
CA ASP A 28 4.33 5.40 3.07
C ASP A 28 4.41 6.74 3.78
N TRP A 29 3.26 7.37 3.95
CA TRP A 29 3.16 8.68 4.57
C TRP A 29 2.62 8.52 5.98
N SER A 30 3.40 8.94 6.98
CA SER A 30 3.07 8.67 8.37
C SER A 30 2.06 9.68 8.93
N SER A 31 1.47 9.32 10.07
CA SER A 31 0.51 10.18 10.74
C SER A 31 1.18 11.45 11.25
N GLY A 32 2.51 11.45 11.31
CA GLY A 32 3.26 12.61 11.76
C GLY A 32 3.80 13.43 10.60
N ASN A 33 3.35 13.12 9.39
CA ASN A 33 3.66 13.91 8.20
C ASN A 33 5.08 13.69 7.69
N VAL A 34 5.56 12.46 7.80
CA VAL A 34 6.87 12.10 7.27
C VAL A 34 6.74 11.00 6.22
N LEU A 35 7.21 11.27 5.02
CA LEU A 35 7.24 10.25 3.97
C LEU A 35 8.47 9.38 4.11
N ALA A 36 8.26 8.07 4.12
CA ALA A 36 9.36 7.12 4.06
C ALA A 36 9.45 6.64 2.62
N VAL A 37 10.65 6.73 2.05
CA VAL A 37 10.85 6.37 0.65
C VAL A 37 12.01 5.39 0.53
N ALA A 38 11.74 4.21 -0.03
CA ALA A 38 12.77 3.21 -0.22
C ALA A 38 13.42 3.38 -1.58
N LEU A 39 14.67 3.84 -1.59
CA LEU A 39 15.43 3.99 -2.82
C LEU A 39 16.52 2.93 -2.89
N ASP A 40 16.33 1.94 -3.76
CA ASP A 40 17.25 0.82 -3.90
C ASP A 40 17.51 0.16 -2.54
N ASN A 41 18.67 0.43 -1.93
CA ASN A 41 19.04 -0.25 -0.69
C ASN A 41 19.01 0.66 0.53
N SER A 42 18.43 1.85 0.37
CA SER A 42 18.32 2.79 1.49
C SER A 42 16.87 3.24 1.69
N VAL A 43 16.58 3.69 2.90
CA VAL A 43 15.29 4.32 3.20
C VAL A 43 15.55 5.76 3.60
N TYR A 44 14.88 6.69 2.94
CA TYR A 44 14.99 8.11 3.27
C TYR A 44 13.68 8.59 3.86
N LEU A 45 13.77 9.45 4.87
CA LEU A 45 12.59 10.06 5.46
C LEU A 45 12.54 11.53 5.07
N TRP A 46 11.38 11.99 4.62
CA TRP A 46 11.21 13.37 4.22
C TRP A 46 10.05 14.01 4.99
N SER A 47 10.37 15.04 5.76
CA SER A 47 9.37 15.77 6.52
C SER A 47 8.63 16.74 5.59
N ALA A 48 7.33 16.54 5.44
CA ALA A 48 6.52 17.40 4.58
C ALA A 48 6.39 18.79 5.18
N SER A 49 6.76 18.93 6.45
CA SER A 49 6.69 20.21 7.14
C SER A 49 7.95 21.04 6.93
N SER A 50 9.10 20.38 7.05
CA SER A 50 10.38 21.08 7.04
C SER A 50 11.16 20.88 5.74
N GLY A 51 10.80 19.84 4.98
CA GLY A 51 11.53 19.50 3.77
C GLY A 51 12.85 18.82 4.09
N ASP A 52 13.04 18.49 5.37
CA ASP A 52 14.28 17.88 5.83
C ASP A 52 14.33 16.41 5.42
N ILE A 53 15.54 15.91 5.15
CA ILE A 53 15.73 14.51 4.78
C ILE A 53 16.66 13.80 5.74
N LEU A 54 16.28 12.60 6.13
CA LEU A 54 17.15 11.74 6.93
C LEU A 54 17.31 10.39 6.23
N GLN A 55 18.55 9.99 5.99
CA GLN A 55 18.82 8.64 5.54
C GLN A 55 18.77 7.71 6.74
N LEU A 56 17.65 7.03 6.91
CA LEU A 56 17.41 6.21 8.09
C LEU A 56 18.34 5.00 8.14
N LEU A 57 18.47 4.30 7.01
CA LEU A 57 19.26 3.07 6.98
C LEU A 57 19.77 2.75 5.58
N GLN A 58 20.75 1.85 5.53
CA GLN A 58 21.23 1.30 4.26
C GLN A 58 21.57 -0.17 4.45
N MET A 59 21.25 -0.99 3.45
CA MET A 59 21.61 -2.40 3.49
C MET A 59 23.12 -2.49 3.40
N GLU A 60 23.69 -3.51 4.03
CA GLU A 60 25.14 -3.63 4.10
C GLU A 60 25.73 -4.70 3.19
N GLN A 61 24.92 -5.67 2.78
CA GLN A 61 25.38 -6.72 1.87
C GLN A 61 25.02 -6.39 0.42
N PRO A 62 25.89 -6.79 -0.53
CA PRO A 62 25.58 -6.58 -1.95
C PRO A 62 24.37 -7.39 -2.40
N GLY A 63 23.61 -6.84 -3.34
CA GLY A 63 22.41 -7.49 -3.84
C GLY A 63 21.17 -7.14 -3.04
N GLU A 64 21.36 -6.82 -1.77
CA GLU A 64 20.24 -6.53 -0.89
C GLU A 64 19.56 -5.22 -1.23
N TYR A 65 18.22 -5.22 -1.15
CA TYR A 65 17.43 -4.03 -1.44
C TYR A 65 16.17 -4.03 -0.59
N ILE A 66 15.61 -2.85 -0.37
CA ILE A 66 14.41 -2.69 0.44
C ILE A 66 13.17 -3.04 -0.40
N SER A 67 12.28 -3.85 0.16
CA SER A 67 11.14 -4.35 -0.58
C SER A 67 9.80 -3.84 -0.05
N SER A 68 9.82 -3.22 1.13
CA SER A 68 8.59 -2.62 1.67
C SER A 68 8.85 -1.73 2.88
N VAL A 69 7.97 -0.75 3.08
CA VAL A 69 8.01 0.11 4.25
C VAL A 69 6.59 0.41 4.72
N ALA A 70 6.40 0.48 6.03
CA ALA A 70 5.08 0.76 6.61
C ALA A 70 5.21 1.41 7.98
N TRP A 71 4.57 2.55 8.16
CA TRP A 71 4.60 3.27 9.43
C TRP A 71 3.64 2.64 10.43
N ILE A 72 4.05 2.62 11.69
CA ILE A 72 3.15 2.26 12.78
C ILE A 72 2.12 3.38 12.89
N LYS A 73 0.98 3.08 13.50
CA LYS A 73 -0.13 4.04 13.53
C LYS A 73 0.30 5.42 14.05
N GLU A 74 0.98 5.45 15.19
CA GLU A 74 1.34 6.72 15.82
C GLU A 74 2.60 7.34 15.25
N GLY A 75 3.19 6.70 14.24
CA GLY A 75 4.22 7.31 13.42
C GLY A 75 5.60 7.47 14.01
N ASN A 76 5.93 6.72 15.06
CA ASN A 76 7.26 6.81 15.65
C ASN A 76 8.14 5.60 15.35
N TYR A 77 7.52 4.55 14.80
CA TYR A 77 8.26 3.36 14.40
C TYR A 77 7.97 3.01 12.94
N LEU A 78 8.98 2.53 12.24
CA LEU A 78 8.85 2.18 10.84
C LEU A 78 9.23 0.72 10.60
N ALA A 79 8.33 -0.02 9.96
CA ALA A 79 8.64 -1.39 9.56
C ALA A 79 9.29 -1.36 8.19
N VAL A 80 10.28 -2.22 7.98
CA VAL A 80 10.99 -2.27 6.71
C VAL A 80 11.22 -3.72 6.28
N GLY A 81 10.63 -4.11 5.15
CA GLY A 81 10.84 -5.43 4.59
C GLY A 81 12.03 -5.44 3.66
N THR A 82 12.73 -6.57 3.58
CA THR A 82 13.96 -6.67 2.82
C THR A 82 13.94 -7.82 1.82
N SER A 83 14.80 -7.74 0.82
CA SER A 83 14.95 -8.81 -0.17
C SER A 83 15.53 -10.07 0.47
N SER A 84 16.17 -9.89 1.62
CA SER A 84 16.74 -11.02 2.36
C SER A 84 15.74 -11.61 3.34
N ALA A 85 14.47 -11.31 3.14
CA ALA A 85 13.38 -11.92 3.91
C ALA A 85 13.36 -11.48 5.37
N GLU A 86 13.80 -10.24 5.62
CA GLU A 86 13.77 -9.69 6.97
C GLU A 86 12.64 -8.69 7.12
N VAL A 87 12.11 -8.58 8.33
CA VAL A 87 11.20 -7.50 8.69
C VAL A 87 11.84 -6.73 9.84
N GLN A 88 12.41 -5.57 9.52
CA GLN A 88 13.12 -4.77 10.51
C GLN A 88 12.21 -3.73 11.11
N LEU A 89 12.37 -3.51 12.41
CA LEU A 89 11.61 -2.47 13.11
C LEU A 89 12.58 -1.37 13.53
N TRP A 90 12.32 -0.15 13.10
CA TRP A 90 13.21 0.97 13.36
C TRP A 90 12.57 2.04 14.22
N ASP A 91 13.30 2.52 15.21
CA ASP A 91 12.89 3.67 15.99
C ASP A 91 13.47 4.91 15.31
N VAL A 92 12.60 5.73 14.75
CA VAL A 92 13.02 6.85 13.91
C VAL A 92 13.56 8.02 14.71
N GLN A 93 13.02 8.22 15.91
CA GLN A 93 13.46 9.30 16.77
C GLN A 93 14.94 9.14 17.15
N GLN A 94 15.27 8.00 17.75
CA GLN A 94 16.66 7.73 18.13
C GLN A 94 17.44 7.11 16.97
N GLN A 95 16.78 6.95 15.84
CA GLN A 95 17.43 6.52 14.61
C GLN A 95 18.25 5.23 14.78
N LYS A 96 17.66 4.25 15.44
CA LYS A 96 18.31 2.96 15.61
C LYS A 96 17.36 1.81 15.33
N ARG A 97 17.90 0.68 14.89
CA ARG A 97 17.11 -0.51 14.64
C ARG A 97 16.80 -1.21 15.97
N LEU A 98 15.54 -1.58 16.16
CA LEU A 98 15.12 -2.26 17.37
C LEU A 98 15.07 -3.76 17.16
N ARG A 99 14.61 -4.19 15.98
CA ARG A 99 14.46 -5.61 15.71
C ARG A 99 14.81 -5.98 14.28
N ASN A 100 15.30 -7.21 14.11
CA ASN A 100 15.54 -7.79 12.80
C ASN A 100 14.82 -9.14 12.74
N MET A 101 13.51 -9.08 12.54
CA MET A 101 12.67 -10.26 12.62
C MET A 101 12.75 -11.11 11.36
N THR A 102 13.15 -12.37 11.54
CA THR A 102 13.18 -13.32 10.44
C THR A 102 12.12 -14.40 10.67
N SER A 103 11.64 -14.97 9.58
CA SER A 103 10.62 -16.02 9.62
C SER A 103 10.20 -16.42 8.21
N HIS A 104 10.22 -15.45 7.30
CA HIS A 104 9.89 -15.70 5.90
C HIS A 104 11.02 -16.39 5.16
N SER A 105 10.67 -16.95 3.99
CA SER A 105 11.64 -17.66 3.16
C SER A 105 12.03 -16.86 1.93
N ALA A 106 11.30 -15.79 1.65
CA ALA A 106 11.57 -14.96 0.49
C ALA A 106 11.35 -13.47 0.81
N ARG A 107 11.60 -12.61 -0.17
CA ARG A 107 11.53 -11.17 0.06
C ARG A 107 10.16 -10.77 0.59
N VAL A 108 10.16 -9.78 1.48
CA VAL A 108 8.93 -9.29 2.08
C VAL A 108 8.50 -8.00 1.39
N GLY A 109 7.51 -8.12 0.50
CA GLY A 109 7.12 -7.00 -0.36
C GLY A 109 5.93 -6.19 0.13
N SER A 110 5.22 -6.67 1.15
CA SER A 110 4.05 -5.96 1.64
C SER A 110 3.97 -5.98 3.17
N LEU A 111 3.48 -4.89 3.73
CA LEU A 111 3.37 -4.73 5.18
C LEU A 111 2.06 -4.05 5.55
N SER A 112 1.53 -4.36 6.73
CA SER A 112 0.36 -3.67 7.24
C SER A 112 0.22 -3.82 8.75
N TRP A 113 0.06 -2.69 9.44
CA TRP A 113 -0.05 -2.66 10.89
C TRP A 113 -1.50 -2.80 11.36
N ASN A 114 -1.68 -3.52 12.46
CA ASN A 114 -2.91 -3.46 13.23
C ASN A 114 -2.55 -3.31 14.70
N SER A 115 -2.38 -2.06 15.13
CA SER A 115 -1.92 -1.77 16.48
C SER A 115 -0.51 -2.32 16.65
N TYR A 116 -0.31 -3.20 17.62
CA TYR A 116 1.02 -3.75 17.89
C TYR A 116 1.32 -4.97 17.02
N ILE A 117 0.36 -5.38 16.20
CA ILE A 117 0.56 -6.48 15.28
C ILE A 117 0.99 -5.96 13.92
N LEU A 118 2.11 -6.47 13.42
CA LEU A 118 2.56 -6.17 12.07
C LEU A 118 2.36 -7.40 11.20
N SER A 119 1.66 -7.21 10.08
CA SER A 119 1.46 -8.30 9.13
C SER A 119 2.35 -8.09 7.91
N SER A 120 2.97 -9.16 7.45
CA SER A 120 3.91 -9.07 6.34
C SER A 120 3.59 -10.10 5.26
N GLY A 121 3.66 -9.69 4.01
CA GLY A 121 3.45 -10.57 2.88
C GLY A 121 4.76 -10.81 2.16
N SER A 122 4.93 -12.01 1.62
CA SER A 122 6.19 -12.41 1.02
C SER A 122 6.02 -12.99 -0.37
N ARG A 123 7.11 -13.03 -1.13
CA ARG A 123 7.11 -13.59 -2.47
C ARG A 123 6.73 -15.07 -2.44
N SER A 124 6.86 -15.67 -1.26
CA SER A 124 6.56 -17.08 -1.08
C SER A 124 5.06 -17.36 -1.13
N GLY A 125 4.27 -16.33 -0.87
CA GLY A 125 2.82 -16.46 -0.87
C GLY A 125 2.23 -16.47 0.53
N HIS A 126 3.08 -16.60 1.54
CA HIS A 126 2.62 -16.67 2.92
C HIS A 126 2.50 -15.29 3.55
N ILE A 127 1.61 -15.17 4.52
CA ILE A 127 1.48 -13.97 5.33
C ILE A 127 1.78 -14.32 6.78
N HIS A 128 2.57 -13.48 7.46
CA HIS A 128 2.89 -13.71 8.86
C HIS A 128 2.40 -12.57 9.75
N HIS A 129 1.86 -12.92 10.90
CA HIS A 129 1.54 -11.93 11.92
C HIS A 129 2.71 -11.85 12.90
N HIS A 130 3.22 -10.63 13.11
CA HIS A 130 4.31 -10.42 14.05
C HIS A 130 3.80 -9.62 15.24
N ASP A 131 3.92 -10.19 16.44
CA ASP A 131 3.69 -9.44 17.66
C ASP A 131 5.02 -8.80 18.04
N VAL A 132 5.20 -7.55 17.65
CA VAL A 132 6.52 -6.90 17.70
C VAL A 132 6.99 -6.66 19.13
N ARG A 133 6.15 -6.91 20.11
CA ARG A 133 6.48 -6.63 21.50
C ARG A 133 7.18 -7.81 22.20
N VAL A 134 7.03 -9.02 21.64
CA VAL A 134 7.51 -10.21 22.34
C VAL A 134 8.68 -10.88 21.62
N ALA A 135 9.37 -11.76 22.35
CA ALA A 135 10.57 -12.42 21.85
C ALA A 135 10.28 -13.27 20.61
N GLU A 136 9.38 -14.22 20.74
CA GLU A 136 8.93 -15.02 19.60
C GLU A 136 7.84 -14.25 18.86
N HIS A 137 8.27 -13.42 17.92
CA HIS A 137 7.38 -12.48 17.25
C HIS A 137 6.36 -13.16 16.33
N HIS A 138 6.76 -14.27 15.71
CA HIS A 138 5.92 -14.94 14.73
C HIS A 138 4.78 -15.69 15.42
N VAL A 139 3.58 -15.09 15.42
CA VAL A 139 2.46 -15.65 16.16
C VAL A 139 1.37 -16.25 15.28
N ALA A 140 1.52 -16.16 13.96
CA ALA A 140 0.53 -16.76 13.06
C ALA A 140 1.02 -16.80 11.62
N THR A 141 0.46 -17.72 10.84
CA THR A 141 0.78 -17.84 9.43
C THR A 141 -0.51 -18.03 8.62
N LEU A 142 -0.76 -17.10 7.71
CA LEU A 142 -1.91 -17.19 6.81
C LEU A 142 -1.43 -17.59 5.42
N SER A 143 -1.92 -18.72 4.92
CA SER A 143 -1.45 -19.26 3.65
C SER A 143 -2.59 -19.43 2.65
N GLY A 144 -2.81 -18.41 1.83
CA GLY A 144 -3.88 -18.45 0.85
C GLY A 144 -3.48 -17.91 -0.51
N HIS A 145 -2.18 -17.86 -0.78
CA HIS A 145 -1.68 -17.43 -2.08
C HIS A 145 -0.58 -18.39 -2.55
N SER A 146 -0.51 -18.60 -3.87
CA SER A 146 0.54 -19.42 -4.46
C SER A 146 1.55 -18.57 -5.22
N GLN A 147 1.45 -17.25 -5.06
CA GLN A 147 2.39 -16.32 -5.66
C GLN A 147 2.60 -15.15 -4.70
N GLU A 148 3.46 -14.21 -5.08
CA GLU A 148 3.80 -13.12 -4.18
C GLU A 148 2.58 -12.34 -3.70
N VAL A 149 2.60 -11.98 -2.42
CA VAL A 149 1.57 -11.13 -1.85
C VAL A 149 2.01 -9.68 -1.99
N CYS A 150 1.40 -8.96 -2.92
CA CYS A 150 1.80 -7.60 -3.24
C CYS A 150 0.84 -6.56 -2.67
N GLY A 151 -0.33 -7.02 -2.23
CA GLY A 151 -1.29 -6.16 -1.56
C GLY A 151 -1.62 -6.70 -0.19
N LEU A 152 -1.58 -5.85 0.83
CA LEU A 152 -1.86 -6.27 2.19
C LEU A 152 -2.31 -5.08 3.02
N ARG A 153 -3.51 -5.15 3.58
CA ARG A 153 -4.11 -4.00 4.25
C ARG A 153 -5.14 -4.40 5.30
N TRP A 154 -4.89 -4.02 6.55
CA TRP A 154 -5.89 -4.17 7.60
C TRP A 154 -6.97 -3.11 7.43
N ALA A 155 -8.21 -3.47 7.77
CA ALA A 155 -9.30 -2.50 7.77
C ALA A 155 -9.04 -1.50 8.89
N PRO A 156 -9.51 -0.25 8.70
CA PRO A 156 -9.32 0.77 9.74
C PRO A 156 -9.86 0.34 11.10
N ASP A 157 -10.92 -0.47 11.10
CA ASP A 157 -11.52 -0.92 12.35
C ASP A 157 -10.91 -2.23 12.84
N GLY A 158 -9.98 -2.79 12.06
CA GLY A 158 -9.22 -3.95 12.49
C GLY A 158 -9.99 -5.26 12.49
N ARG A 159 -11.15 -5.27 11.86
CA ARG A 159 -12.00 -6.46 11.86
C ARG A 159 -11.66 -7.42 10.72
N HIS A 160 -11.02 -6.91 9.68
CA HIS A 160 -10.59 -7.75 8.57
C HIS A 160 -9.19 -7.39 8.08
N LEU A 161 -8.53 -8.37 7.48
CA LEU A 161 -7.29 -8.15 6.76
C LEU A 161 -7.50 -8.58 5.32
N ALA A 162 -7.16 -7.70 4.38
CA ALA A 162 -7.28 -8.02 2.96
C ALA A 162 -5.91 -8.23 2.35
N SER A 163 -5.79 -9.24 1.50
CA SER A 163 -4.54 -9.52 0.81
C SER A 163 -4.78 -9.73 -0.68
N GLY A 164 -3.84 -9.26 -1.50
CA GLY A 164 -3.91 -9.44 -2.93
C GLY A 164 -2.59 -9.97 -3.45
N GLY A 165 -2.64 -10.85 -4.45
CA GLY A 165 -1.45 -11.54 -4.89
C GLY A 165 -1.25 -11.57 -6.39
N ASN A 166 -0.06 -12.01 -6.81
CA ASN A 166 0.26 -12.18 -8.20
C ASN A 166 -0.37 -13.46 -8.75
N ASP A 167 -1.14 -14.14 -7.90
CA ASP A 167 -1.93 -15.30 -8.33
C ASP A 167 -3.36 -14.89 -8.64
N ASN A 168 -3.60 -13.58 -8.70
CA ASN A 168 -4.90 -13.03 -9.09
C ASN A 168 -6.01 -13.27 -8.07
N LEU A 169 -5.64 -13.59 -6.84
CA LEU A 169 -6.64 -13.82 -5.81
C LEU A 169 -6.73 -12.66 -4.83
N VAL A 170 -7.94 -12.43 -4.33
CA VAL A 170 -8.15 -11.56 -3.18
C VAL A 170 -8.67 -12.41 -2.03
N ASN A 171 -7.99 -12.36 -0.90
CA ASN A 171 -8.46 -13.04 0.30
C ASN A 171 -8.82 -12.05 1.38
N VAL A 172 -9.96 -12.29 2.02
CA VAL A 172 -10.35 -11.52 3.19
C VAL A 172 -10.23 -12.41 4.41
N TRP A 173 -9.29 -12.08 5.29
CA TRP A 173 -9.02 -12.89 6.47
C TRP A 173 -9.71 -12.30 7.69
N PRO A 174 -10.00 -13.15 8.69
CA PRO A 174 -10.58 -12.67 9.95
C PRO A 174 -9.51 -12.03 10.82
N SER A 175 -9.92 -11.27 11.83
CA SER A 175 -8.98 -10.59 12.71
C SER A 175 -8.29 -11.57 13.66
N ALA A 176 -8.93 -12.72 13.86
CA ALA A 176 -8.38 -13.77 14.70
C ALA A 176 -8.95 -15.10 14.21
N PRO A 177 -8.28 -16.21 14.55
CA PRO A 177 -8.78 -17.50 14.05
C PRO A 177 -10.16 -17.82 14.59
N GLY A 178 -11.00 -18.43 13.76
CA GLY A 178 -12.38 -18.69 14.13
C GLY A 178 -12.75 -20.16 14.01
N GLU A 179 -14.01 -20.40 13.66
CA GLU A 179 -14.54 -21.75 13.55
C GLU A 179 -13.76 -22.57 12.53
N GLY A 180 -13.07 -21.88 11.61
CA GLY A 180 -12.31 -22.55 10.58
C GLY A 180 -10.80 -22.37 10.73
N GLY A 181 -10.39 -21.69 11.80
CA GLY A 181 -8.99 -21.41 12.02
C GLY A 181 -8.52 -20.24 11.18
N TRP A 182 -7.27 -20.28 10.74
CA TRP A 182 -6.74 -19.25 9.86
C TRP A 182 -7.07 -19.58 8.41
N VAL A 183 -8.34 -19.45 8.08
CA VAL A 183 -8.82 -19.66 6.72
C VAL A 183 -9.56 -18.41 6.28
N PRO A 184 -9.44 -18.04 5.00
CA PRO A 184 -10.11 -16.83 4.52
C PRO A 184 -11.62 -16.86 4.76
N LEU A 185 -12.19 -15.71 5.13
CA LEU A 185 -13.64 -15.57 5.18
C LEU A 185 -14.18 -15.52 3.76
N GLN A 186 -13.37 -14.99 2.84
CA GLN A 186 -13.77 -14.86 1.44
C GLN A 186 -12.56 -15.00 0.52
N THR A 187 -12.78 -15.59 -0.64
CA THR A 187 -11.78 -15.56 -1.71
C THR A 187 -12.43 -15.12 -3.02
N PHE A 188 -11.95 -14.02 -3.57
CA PHE A 188 -12.47 -13.49 -4.82
C PHE A 188 -11.50 -13.79 -5.97
N THR A 189 -12.04 -14.36 -7.05
CA THR A 189 -11.22 -14.81 -8.17
C THR A 189 -11.48 -14.05 -9.45
N GLN A 190 -12.32 -13.02 -9.38
CA GLN A 190 -12.75 -12.32 -10.60
C GLN A 190 -11.60 -11.65 -11.36
N HIS A 191 -10.66 -11.06 -10.63
CA HIS A 191 -9.53 -10.38 -11.29
C HIS A 191 -8.74 -11.36 -12.14
N GLN A 192 -8.34 -10.92 -13.33
CA GLN A 192 -7.56 -11.75 -14.24
C GLN A 192 -6.12 -11.26 -14.33
N GLY A 193 -5.66 -10.59 -13.28
CA GLY A 193 -4.29 -10.09 -13.22
C GLY A 193 -3.87 -9.84 -11.80
N ALA A 194 -2.60 -9.52 -11.61
CA ALA A 194 -2.04 -9.27 -10.28
C ALA A 194 -2.88 -8.23 -9.53
N VAL A 195 -3.18 -8.51 -8.26
CA VAL A 195 -3.93 -7.58 -7.43
C VAL A 195 -3.03 -6.92 -6.39
N LYS A 196 -2.47 -5.76 -6.75
CA LYS A 196 -1.64 -5.00 -5.82
C LYS A 196 -2.47 -3.94 -5.10
N ALA A 197 -3.50 -3.45 -5.78
CA ALA A 197 -4.36 -2.41 -5.23
C ALA A 197 -5.37 -3.02 -4.27
N VAL A 198 -5.31 -2.58 -3.01
CA VAL A 198 -6.24 -3.05 -1.98
C VAL A 198 -6.45 -1.93 -0.95
N ALA A 199 -7.69 -1.49 -0.79
CA ALA A 199 -7.99 -0.39 0.11
C ALA A 199 -9.40 -0.50 0.69
N TRP A 200 -9.53 -0.25 1.98
CA TRP A 200 -10.82 -0.32 2.66
C TRP A 200 -11.51 1.03 2.68
N CYS A 201 -12.83 1.01 2.53
CA CYS A 201 -13.63 2.22 2.65
C CYS A 201 -13.61 2.70 4.10
N PRO A 202 -13.09 3.92 4.34
CA PRO A 202 -12.98 4.44 5.71
C PRO A 202 -14.32 4.69 6.39
N TRP A 203 -15.41 4.82 5.62
CA TRP A 203 -16.72 5.11 6.21
C TRP A 203 -17.71 3.97 6.01
N GLN A 204 -17.22 2.84 5.51
CA GLN A 204 -18.05 1.64 5.38
C GLN A 204 -17.25 0.41 5.77
N SER A 205 -17.48 -0.08 6.98
CA SER A 205 -16.69 -1.16 7.56
C SER A 205 -16.40 -2.31 6.59
N ASN A 206 -17.44 -2.82 5.93
CA ASN A 206 -17.33 -4.05 5.17
C ASN A 206 -17.10 -3.87 3.67
N VAL A 207 -16.72 -2.66 3.25
CA VAL A 207 -16.54 -2.39 1.83
C VAL A 207 -15.07 -2.32 1.45
N LEU A 208 -14.70 -3.10 0.43
CA LEU A 208 -13.31 -3.21 0.00
C LEU A 208 -13.16 -2.93 -1.48
N ALA A 209 -12.12 -2.19 -1.85
CA ALA A 209 -11.82 -1.91 -3.24
C ALA A 209 -10.51 -2.59 -3.63
N THR A 210 -10.49 -3.24 -4.79
CA THR A 210 -9.29 -3.86 -5.31
C THR A 210 -9.08 -3.51 -6.78
N GLY A 211 -7.84 -3.66 -7.24
CA GLY A 211 -7.51 -3.35 -8.62
C GLY A 211 -6.56 -4.36 -9.24
N GLY A 212 -6.82 -4.72 -10.48
CA GLY A 212 -6.02 -5.72 -11.17
C GLY A 212 -4.97 -5.11 -12.09
N GLY A 213 -4.01 -5.93 -12.49
CA GLY A 213 -2.89 -5.46 -13.30
C GLY A 213 -3.20 -5.37 -14.79
N THR A 214 -2.14 -5.50 -15.60
CA THR A 214 -2.20 -5.27 -17.04
C THR A 214 -3.26 -6.11 -17.76
N SER A 215 -3.42 -7.35 -17.33
CA SER A 215 -4.33 -8.28 -18.00
C SER A 215 -5.73 -8.28 -17.38
N ASP A 216 -5.97 -7.34 -16.45
CA ASP A 216 -7.28 -7.23 -15.81
C ASP A 216 -7.85 -5.82 -16.01
N ARG A 217 -7.14 -4.83 -15.48
CA ARG A 217 -7.47 -3.42 -15.73
C ARG A 217 -8.78 -2.97 -15.09
N HIS A 218 -9.27 -3.72 -14.10
CA HIS A 218 -10.54 -3.39 -13.48
C HIS A 218 -10.40 -3.00 -12.01
N ILE A 219 -11.25 -2.06 -11.59
CA ILE A 219 -11.42 -1.76 -10.17
C ILE A 219 -12.71 -2.44 -9.71
N ARG A 220 -12.63 -3.20 -8.62
CA ARG A 220 -13.79 -3.92 -8.12
C ARG A 220 -14.09 -3.55 -6.68
N ILE A 221 -15.38 -3.32 -6.41
CA ILE A 221 -15.85 -2.98 -5.08
C ILE A 221 -16.57 -4.18 -4.50
N TRP A 222 -16.23 -4.53 -3.26
CA TRP A 222 -16.83 -5.71 -2.62
C TRP A 222 -17.52 -5.37 -1.31
N ASN A 223 -18.49 -6.18 -0.95
CA ASN A 223 -18.99 -6.26 0.42
C ASN A 223 -18.52 -7.58 0.99
N VAL A 224 -17.63 -7.52 1.98
CA VAL A 224 -16.92 -8.71 2.41
C VAL A 224 -17.71 -9.58 3.39
N CYS A 225 -18.87 -9.09 3.82
CA CYS A 225 -19.78 -9.89 4.64
C CYS A 225 -20.59 -10.83 3.76
N SER A 226 -21.25 -10.25 2.76
CA SER A 226 -22.04 -11.04 1.81
C SER A 226 -21.13 -11.72 0.79
N GLY A 227 -20.00 -11.09 0.50
CA GLY A 227 -19.07 -11.62 -0.49
C GLY A 227 -19.51 -11.26 -1.89
N ALA A 228 -20.27 -10.18 -2.01
CA ALA A 228 -20.80 -9.75 -3.31
C ALA A 228 -19.91 -8.70 -3.95
N CYS A 229 -19.84 -8.73 -5.28
CA CYS A 229 -19.20 -7.66 -6.03
C CYS A 229 -20.25 -6.58 -6.30
N LEU A 230 -20.03 -5.39 -5.74
CA LEU A 230 -20.98 -4.30 -5.86
C LEU A 230 -20.78 -3.55 -7.18
N SER A 231 -19.62 -3.71 -7.78
CA SER A 231 -19.28 -2.92 -8.97
C SER A 231 -17.98 -3.39 -9.58
N ALA A 232 -17.92 -3.37 -10.91
CA ALA A 232 -16.71 -3.70 -11.65
C ALA A 232 -16.52 -2.67 -12.75
N VAL A 233 -15.53 -1.81 -12.57
CA VAL A 233 -15.28 -0.71 -13.50
C VAL A 233 -14.00 -0.93 -14.30
N ASP A 234 -14.10 -0.80 -15.62
CA ASP A 234 -12.94 -0.93 -16.48
C ASP A 234 -12.13 0.36 -16.46
N ALA A 235 -10.87 0.27 -16.04
CA ALA A 235 -9.99 1.43 -15.96
C ALA A 235 -9.11 1.54 -17.21
N HIS A 236 -9.11 0.49 -18.03
CA HIS A 236 -8.38 0.51 -19.29
C HIS A 236 -6.88 0.60 -19.10
N SER A 237 -6.41 0.22 -17.91
CA SER A 237 -4.99 0.28 -17.58
C SER A 237 -4.74 -0.47 -16.29
N GLN A 238 -3.55 -1.02 -16.13
CA GLN A 238 -3.17 -1.69 -14.89
C GLN A 238 -3.43 -0.77 -13.71
N VAL A 239 -3.92 -1.35 -12.61
CA VAL A 239 -4.20 -0.59 -11.39
C VAL A 239 -3.24 -1.02 -10.29
N CYS A 240 -2.34 -0.11 -9.90
CA CYS A 240 -1.30 -0.44 -8.93
C CYS A 240 -1.70 -0.12 -7.49
N SER A 241 -2.44 0.96 -7.29
CA SER A 241 -2.92 1.30 -5.97
C SER A 241 -4.27 2.00 -6.01
N ILE A 242 -4.94 1.99 -4.87
CA ILE A 242 -6.23 2.65 -4.71
C ILE A 242 -6.28 3.30 -3.35
N LEU A 243 -6.85 4.49 -3.28
CA LEU A 243 -7.05 5.18 -2.01
C LEU A 243 -8.45 5.77 -1.96
N TRP A 244 -9.05 5.78 -0.77
CA TRP A 244 -10.35 6.40 -0.57
C TRP A 244 -10.16 7.79 0.03
N SER A 245 -11.06 8.70 -0.28
CA SER A 245 -11.08 10.01 0.36
C SER A 245 -12.49 10.36 0.84
N PRO A 246 -12.65 10.53 2.16
CA PRO A 246 -13.95 10.91 2.74
C PRO A 246 -14.29 12.39 2.55
N HIS A 247 -13.30 13.20 2.19
CA HIS A 247 -13.52 14.62 1.99
C HIS A 247 -14.67 14.88 1.00
N TYR A 248 -14.67 14.14 -0.10
CA TYR A 248 -15.72 14.26 -1.10
C TYR A 248 -16.27 12.88 -1.47
N LYS A 249 -15.95 11.89 -0.65
CA LYS A 249 -16.31 10.49 -0.94
C LYS A 249 -15.93 10.13 -2.38
N GLU A 250 -14.66 9.79 -2.56
CA GLU A 250 -14.12 9.49 -3.88
C GLU A 250 -13.04 8.42 -3.76
N LEU A 251 -12.68 7.83 -4.89
CA LEU A 251 -11.53 6.94 -4.95
C LEU A 251 -10.50 7.56 -5.88
N ILE A 252 -9.23 7.26 -5.62
CA ILE A 252 -8.19 7.60 -6.57
C ILE A 252 -7.35 6.37 -6.84
N SER A 253 -7.03 6.15 -8.12
CA SER A 253 -6.24 4.99 -8.52
C SER A 253 -5.04 5.43 -9.36
N GLY A 254 -3.95 4.70 -9.24
CA GLY A 254 -2.76 4.95 -10.03
C GLY A 254 -2.66 3.91 -11.13
N HIS A 255 -2.09 4.30 -12.27
CA HIS A 255 -2.09 3.45 -13.45
C HIS A 255 -0.78 3.46 -14.20
N GLY A 256 -0.69 2.60 -15.22
CA GLY A 256 0.51 2.50 -16.05
C GLY A 256 0.21 2.81 -17.50
N PHE A 257 0.72 1.98 -18.40
CA PHE A 257 0.56 2.19 -19.82
C PHE A 257 -0.93 2.40 -20.15
N ALA A 258 -1.26 3.39 -20.98
CA ALA A 258 -0.27 4.23 -21.68
C ALA A 258 -0.12 5.62 -21.05
N GLN A 259 -1.15 6.09 -20.35
CA GLN A 259 -1.18 7.46 -19.83
C GLN A 259 -0.40 7.64 -18.52
N ASN A 260 -0.13 6.55 -17.82
CA ASN A 260 0.55 6.62 -16.53
C ASN A 260 -0.09 7.68 -15.63
N GLN A 261 -1.42 7.70 -15.59
CA GLN A 261 -2.13 8.76 -14.89
C GLN A 261 -2.76 8.29 -13.58
N LEU A 262 -3.22 9.26 -12.80
CA LEU A 262 -4.07 8.98 -11.66
C LEU A 262 -5.50 9.34 -12.05
N VAL A 263 -6.46 8.57 -11.57
CA VAL A 263 -7.87 8.84 -11.87
C VAL A 263 -8.65 8.98 -10.58
N ILE A 264 -9.48 10.01 -10.50
CA ILE A 264 -10.36 10.22 -9.36
C ILE A 264 -11.79 9.83 -9.72
N TRP A 265 -12.39 8.98 -8.90
CA TRP A 265 -13.74 8.50 -9.14
C TRP A 265 -14.69 8.98 -8.06
N LYS A 266 -15.93 9.28 -8.44
CA LYS A 266 -16.98 9.59 -7.48
C LYS A 266 -17.60 8.29 -6.98
N TYR A 267 -17.72 8.15 -5.67
CA TYR A 267 -18.38 7.00 -5.07
C TYR A 267 -19.74 7.44 -4.55
N PRO A 268 -20.77 6.59 -4.70
CA PRO A 268 -20.79 5.23 -5.27
C PRO A 268 -21.13 5.13 -6.75
N THR A 269 -21.29 6.26 -7.44
CA THR A 269 -21.63 6.22 -8.87
C THR A 269 -20.47 5.70 -9.71
N MET A 270 -19.26 5.83 -9.17
CA MET A 270 -18.04 5.45 -9.88
C MET A 270 -17.87 6.29 -11.15
N ALA A 271 -18.35 7.53 -11.09
CA ALA A 271 -18.19 8.46 -12.19
C ALA A 271 -16.77 9.03 -12.20
N LYS A 272 -16.18 9.12 -13.39
CA LYS A 272 -14.84 9.65 -13.55
C LYS A 272 -14.87 11.16 -13.33
N VAL A 273 -14.13 11.63 -12.32
CA VAL A 273 -14.13 13.03 -11.95
C VAL A 273 -12.97 13.79 -12.56
N ALA A 274 -11.78 13.18 -12.53
CA ALA A 274 -10.58 13.87 -12.96
C ALA A 274 -9.48 12.91 -13.37
N GLU A 275 -8.60 13.38 -14.24
CA GLU A 275 -7.41 12.65 -14.64
C GLU A 275 -6.19 13.50 -14.32
N LEU A 276 -5.21 12.89 -13.67
CA LEU A 276 -4.00 13.62 -13.28
C LEU A 276 -2.81 13.06 -14.04
N LYS A 277 -2.30 13.86 -14.98
CA LYS A 277 -1.23 13.43 -15.86
C LYS A 277 0.09 14.14 -15.54
N GLY A 278 1.21 13.46 -15.82
CA GLY A 278 2.52 14.02 -15.56
C GLY A 278 3.62 12.96 -15.58
N HIS A 279 3.37 11.84 -14.90
CA HIS A 279 4.35 10.76 -14.86
C HIS A 279 4.67 10.26 -16.27
N THR A 280 5.92 9.90 -16.48
CA THR A 280 6.37 9.46 -17.81
C THR A 280 6.59 7.94 -17.86
N SER A 281 6.53 7.30 -16.70
CA SER A 281 6.52 5.83 -16.64
C SER A 281 5.47 5.37 -15.66
N ARG A 282 5.21 4.06 -15.64
CA ARG A 282 4.10 3.51 -14.88
C ARG A 282 4.15 3.90 -13.41
N VAL A 283 2.98 4.20 -12.85
CA VAL A 283 2.88 4.49 -11.43
C VAL A 283 3.09 3.20 -10.65
N LEU A 284 3.73 3.32 -9.49
CA LEU A 284 4.06 2.15 -8.68
C LEU A 284 3.24 2.11 -7.39
N SER A 285 3.19 3.25 -6.69
CA SER A 285 2.47 3.30 -5.42
C SER A 285 1.84 4.67 -5.13
N LEU A 286 0.81 4.64 -4.29
CA LEU A 286 0.12 5.84 -3.84
C LEU A 286 0.08 5.85 -2.31
N THR A 287 0.33 6.99 -1.70
CA THR A 287 0.15 7.16 -0.26
C THR A 287 -0.47 8.52 0.05
N MET A 288 -1.16 8.59 1.19
N MET A 288 -1.19 8.60 1.17
CA MET A 288 -1.99 9.75 1.53
CA MET A 288 -1.97 9.79 1.48
C MET A 288 -1.41 10.51 2.73
C MET A 288 -1.45 10.52 2.72
N SER A 289 -1.44 11.85 2.64
CA SER A 289 -0.99 12.69 3.74
C SER A 289 -1.93 12.60 4.93
N PRO A 290 -1.44 12.97 6.12
CA PRO A 290 -2.28 12.88 7.33
C PRO A 290 -3.62 13.60 7.21
N ASP A 291 -3.63 14.78 6.60
CA ASP A 291 -4.84 15.59 6.51
C ASP A 291 -5.74 15.18 5.34
N GLY A 292 -5.27 14.23 4.53
CA GLY A 292 -6.09 13.65 3.47
C GLY A 292 -6.19 14.50 2.22
N ALA A 293 -5.54 15.65 2.22
CA ALA A 293 -5.65 16.60 1.11
C ALA A 293 -4.71 16.27 -0.02
N THR A 294 -3.60 15.61 0.29
CA THR A 294 -2.54 15.37 -0.70
C THR A 294 -2.24 13.89 -0.89
N VAL A 295 -2.08 13.49 -2.14
CA VAL A 295 -1.71 12.13 -2.48
C VAL A 295 -0.32 12.13 -3.12
N ALA A 296 0.57 11.30 -2.60
CA ALA A 296 1.89 11.14 -3.19
C ALA A 296 1.90 9.91 -4.09
N SER A 297 2.33 10.10 -5.34
CA SER A 297 2.46 8.99 -6.28
C SER A 297 3.93 8.75 -6.65
N ALA A 298 4.39 7.53 -6.43
CA ALA A 298 5.74 7.15 -6.81
C ALA A 298 5.68 6.39 -8.13
N ALA A 299 6.63 6.68 -9.03
CA ALA A 299 6.59 6.10 -10.36
C ALA A 299 7.97 5.67 -10.85
N ALA A 300 7.99 4.84 -11.89
CA ALA A 300 9.22 4.30 -12.44
C ALA A 300 10.08 5.38 -13.11
N ASP A 301 9.55 6.59 -13.22
CA ASP A 301 10.30 7.69 -13.80
C ASP A 301 11.20 8.37 -12.76
N GLU A 302 11.35 7.72 -11.60
CA GLU A 302 12.24 8.21 -10.55
C GLU A 302 11.81 9.56 -9.99
N THR A 303 10.51 9.77 -9.88
CA THR A 303 9.98 10.95 -9.21
C THR A 303 8.85 10.57 -8.26
N LEU A 304 8.61 11.43 -7.28
CA LEU A 304 7.42 11.35 -6.46
C LEU A 304 6.63 12.62 -6.68
N ARG A 305 5.40 12.49 -7.16
CA ARG A 305 4.55 13.64 -7.42
C ARG A 305 3.48 13.78 -6.34
N LEU A 306 3.45 14.95 -5.71
CA LEU A 306 2.49 15.25 -4.67
C LEU A 306 1.34 16.07 -5.23
N TRP A 307 0.14 15.49 -5.22
CA TRP A 307 -1.04 16.13 -5.79
C TRP A 307 -1.97 16.63 -4.69
N ARG A 308 -2.23 17.94 -4.68
CA ARG A 308 -3.24 18.52 -3.79
C ARG A 308 -4.62 18.38 -4.40
N CYS A 309 -5.13 17.16 -4.46
CA CYS A 309 -6.35 16.90 -5.21
C CYS A 309 -7.60 16.73 -4.33
N PHE A 310 -7.42 16.66 -3.02
CA PHE A 310 -8.55 16.41 -2.12
C PHE A 310 -8.72 17.49 -1.06
N GLU A 311 -8.10 18.65 -1.27
CA GLU A 311 -8.16 19.71 -0.27
C GLU A 311 -9.58 20.26 -0.10
N LEU A 312 -9.93 20.58 1.13
CA LEU A 312 -11.21 21.23 1.43
C LEU A 312 -10.99 22.73 1.52
N ASP A 313 -11.17 23.43 0.39
CA ASP A 313 -10.91 24.86 0.32
C ASP A 313 -11.97 25.65 1.08
N PRO A 314 -11.57 26.79 1.67
CA PRO A 314 -12.49 27.64 2.42
C PRO A 314 -13.35 28.50 1.51
C1 WR7 B . 14.14 17.21 -3.70
N1 WR7 B . 13.94 15.88 -3.79
O1 WR7 B . 17.30 10.87 -2.39
CL1 WR7 B . 13.48 10.92 -0.03
C2 WR7 B . 13.90 15.11 -2.68
N2 WR7 B . 14.06 15.64 -1.47
O2 WR7 B . 16.39 11.98 -0.63
CL2 WR7 B . 11.92 13.23 -0.50
C3 WR7 B . 14.26 16.96 -1.33
N3 WR7 B . 13.68 13.67 -2.83
O3 WR7 B . 16.65 14.73 -4.08
CL3 WR7 B . 12.10 11.18 -2.47
C4 WR7 B . 14.30 17.80 -2.45
N4 WR7 B . 15.02 11.77 -2.50
O4 WR7 B . 18.05 13.24 -4.65
C5 WR7 B . 14.14 12.73 -1.84
N5 WR7 B . 19.06 13.17 -1.89
C6 WR7 B . 12.96 12.05 -1.24
N6 WR7 B . 18.91 14.92 -0.50
C7 WR7 B . 16.25 11.54 -1.76
N7 WR7 B . 17.61 14.03 -3.81
C8 WR7 B . 18.57 10.81 -1.82
C9 WR7 B . 19.44 11.88 -2.43
C10 WR7 B . 18.13 15.22 -1.65
C11 WR7 B . 19.45 13.69 -0.65
C12 WR7 B . 18.24 14.13 -2.52
C13 WR7 B . 20.34 13.00 0.37
H10 WR7 B . 17.64 16.04 -1.81
H1 WR7 B . 14.16 17.75 -4.51
H3 WR7 B . 14.37 17.34 -0.45
H13 WR7 B . 20.00 12.11 0.55
HN3 WR7 B . 13.25 13.37 -3.56
H13A WR7 B . 21.24 12.94 0.02
H13B WR7 B . 20.35 13.52 1.20
H4 WR7 B . 14.45 18.75 -2.37
HN4 WR7 B . 14.58 10.97 -2.62
H5 WR7 B . 14.63 13.18 -1.13
H8 WR7 B . 18.96 9.95 -1.99
H8A WR7 B . 18.50 10.97 -0.86
H9 WR7 B . 20.38 11.70 -2.22
H9A WR7 B . 19.33 11.87 -3.41
#